data_1NQB
#
_entry.id   1NQB
#
_cell.length_a   136.320
_cell.length_b   136.320
_cell.length_c   74.800
_cell.angle_alpha   90.00
_cell.angle_beta   90.00
_cell.angle_gamma   120.00
#
_symmetry.space_group_name_H-M   'H 3'
#
loop_
_entity.id
_entity.type
_entity.pdbx_description
1 polymer 'SINGLE-CHAIN ANTIBODY FRAGMENT'
2 water water
#
_entity_poly.entity_id   1
_entity_poly.type   'polypeptide(L)'
_entity_poly.pdbx_seq_one_letter_code
;QVQLQQSGAELVKPGASVKLSCKASGYTFTSYWMHWVKQRPGRGLEWIGRIDPNSGGTKYNEKFKSKATLTVDKPSSTAY
MQLSSLTSEDSAVYYCARYDYYGSSYFDYWGQGTTVTVSSDIELTQTPLSLPVSLGDQASISCRSSQSIVHSNGNTYLEW
YLQKPGQSPKLLIYKVSNRFSGVPDRFSGSGSGTDFTLKISRVEAEDLGVYYCFQGSHVPYTFGGGTKLEIKRAAAEQKL
ISEEDLNGAAHHHHHH
;
_entity_poly.pdbx_strand_id   A,C
#
# COMPACT_ATOMS: atom_id res chain seq x y z
CA VAL A 2 -3.76 12.25 26.77
C VAL A 2 -4.24 12.91 25.48
N GLN A 3 -3.42 12.85 24.44
CA GLN A 3 -3.77 13.40 23.12
C GLN A 3 -3.35 12.41 22.03
N LEU A 4 -4.22 12.23 21.04
CA LEU A 4 -3.97 11.33 19.91
C LEU A 4 -4.23 12.14 18.62
N GLN A 5 -3.15 12.50 17.93
CA GLN A 5 -3.19 13.31 16.71
C GLN A 5 -3.13 12.47 15.43
N GLN A 6 -4.19 12.51 14.64
CA GLN A 6 -4.25 11.74 13.40
C GLN A 6 -3.94 12.60 12.17
N SER A 7 -3.49 11.94 11.11
CA SER A 7 -3.14 12.59 9.85
C SER A 7 -4.32 13.18 9.08
N GLY A 8 -4.02 14.13 8.18
CA GLY A 8 -5.06 14.80 7.41
C GLY A 8 -5.89 14.00 6.41
N ALA A 9 -6.96 14.62 5.94
CA ALA A 9 -7.88 14.02 4.98
C ALA A 9 -7.22 13.47 3.73
N GLU A 10 -7.81 12.41 3.18
CA GLU A 10 -7.32 11.76 1.97
C GLU A 10 -8.43 11.64 0.91
N LEU A 11 -8.18 12.12 -0.30
CA LEU A 11 -9.14 12.02 -1.39
C LEU A 11 -8.46 11.12 -2.40
N VAL A 12 -8.98 9.92 -2.58
CA VAL A 12 -8.37 8.96 -3.49
C VAL A 12 -9.33 8.32 -4.48
N LYS A 13 -8.77 7.79 -5.57
CA LYS A 13 -9.55 7.13 -6.60
C LYS A 13 -9.56 5.63 -6.31
N PRO A 14 -10.52 4.89 -6.88
CA PRO A 14 -10.56 3.46 -6.62
C PRO A 14 -9.25 2.76 -7.02
N GLY A 15 -8.83 1.79 -6.21
CA GLY A 15 -7.61 1.06 -6.49
C GLY A 15 -6.38 1.49 -5.70
N ALA A 16 -6.40 2.72 -5.20
CA ALA A 16 -5.28 3.27 -4.44
C ALA A 16 -5.15 2.68 -3.04
N SER A 17 -4.07 3.08 -2.36
CA SER A 17 -3.76 2.65 -1.00
C SER A 17 -3.45 3.91 -0.21
N VAL A 18 -3.64 3.88 1.11
CA VAL A 18 -3.34 5.03 1.96
C VAL A 18 -2.73 4.55 3.27
N LYS A 19 -1.87 5.38 3.86
CA LYS A 19 -1.27 5.05 5.15
C LYS A 19 -1.58 6.16 6.15
N LEU A 20 -2.32 5.81 7.20
CA LEU A 20 -2.73 6.76 8.24
C LEU A 20 -1.85 6.65 9.49
N SER A 21 -1.65 7.78 10.18
CA SER A 21 -0.84 7.83 11.39
C SER A 21 -1.65 8.33 12.58
N CYS A 22 -1.19 7.99 13.78
CA CYS A 22 -1.83 8.38 15.03
C CYS A 22 -0.71 8.62 16.07
N LYS A 23 -0.36 9.89 16.26
CA LYS A 23 0.70 10.31 17.21
C LYS A 23 0.18 10.44 18.63
N ALA A 24 0.81 9.72 19.57
CA ALA A 24 0.39 9.73 20.97
C ALA A 24 1.28 10.58 21.89
N SER A 25 0.66 11.23 22.87
CA SER A 25 1.37 12.06 23.84
C SER A 25 0.57 12.10 25.13
N GLY A 26 1.28 12.30 26.25
CA GLY A 26 0.62 12.34 27.53
C GLY A 26 0.70 11.04 28.32
N TYR A 27 1.34 10.02 27.76
CA TYR A 27 1.49 8.73 28.44
C TYR A 27 2.60 7.92 27.75
N THR A 28 3.03 6.84 28.41
CA THR A 28 4.08 5.97 27.86
C THR A 28 3.47 5.10 26.75
N PHE A 29 3.80 5.46 25.51
CA PHE A 29 3.31 4.80 24.31
C PHE A 29 3.24 3.28 24.36
N THR A 30 4.36 2.66 24.71
CA THR A 30 4.45 1.21 24.74
C THR A 30 3.65 0.48 25.84
N SER A 31 3.12 1.22 26.82
CA SER A 31 2.36 0.60 27.92
C SER A 31 0.87 0.32 27.68
N TYR A 32 0.34 0.74 26.53
CA TYR A 32 -1.09 0.57 26.22
C TYR A 32 -1.34 0.06 24.79
N TRP A 33 -2.34 -0.80 24.60
CA TRP A 33 -2.68 -1.30 23.26
C TRP A 33 -3.43 -0.19 22.50
N MET A 34 -3.42 -0.26 21.18
CA MET A 34 -4.10 0.72 20.35
C MET A 34 -5.08 0.03 19.42
N HIS A 35 -6.33 0.52 19.39
CA HIS A 35 -7.38 -0.03 18.53
C HIS A 35 -7.70 0.95 17.39
N TRP A 36 -8.30 0.43 16.32
CA TRP A 36 -8.72 1.24 15.18
C TRP A 36 -10.20 0.95 14.90
N VAL A 37 -10.96 2.02 14.61
CA VAL A 37 -12.41 1.94 14.38
C VAL A 37 -12.82 2.65 13.09
N LYS A 38 -13.83 2.12 12.40
CA LYS A 38 -14.33 2.70 11.15
C LYS A 38 -15.76 3.22 11.27
N GLN A 39 -16.03 4.37 10.65
CA GLN A 39 -17.37 4.94 10.65
C GLN A 39 -17.75 5.49 9.28
N ARG A 40 -18.62 4.77 8.57
CA ARG A 40 -19.07 5.20 7.24
C ARG A 40 -20.09 6.33 7.37
N PRO A 41 -20.18 7.19 6.34
CA PRO A 41 -21.12 8.32 6.34
C PRO A 41 -22.53 7.96 6.81
N GLY A 42 -22.84 8.37 8.03
CA GLY A 42 -24.14 8.11 8.63
C GLY A 42 -24.55 6.65 8.69
N ARG A 43 -23.60 5.75 8.94
CA ARG A 43 -23.94 4.32 8.98
C ARG A 43 -23.66 3.50 10.25
N GLY A 44 -22.79 3.99 11.13
CA GLY A 44 -22.50 3.23 12.32
C GLY A 44 -21.02 2.98 12.55
N LEU A 45 -20.69 2.24 13.60
CA LEU A 45 -19.30 1.95 13.96
C LEU A 45 -18.92 0.48 13.82
N GLU A 46 -17.67 0.22 13.42
CA GLU A 46 -17.16 -1.14 13.29
C GLU A 46 -15.74 -1.21 13.86
N TRP A 47 -15.39 -2.33 14.49
CA TRP A 47 -14.06 -2.54 15.06
C TRP A 47 -13.18 -3.19 13.98
N ILE A 48 -12.02 -2.60 13.70
CA ILE A 48 -11.10 -3.12 12.69
C ILE A 48 -10.07 -4.12 13.25
N GLY A 49 -9.32 -3.71 14.26
CA GLY A 49 -8.30 -4.56 14.85
C GLY A 49 -7.50 -3.82 15.90
N ARG A 50 -6.45 -4.46 16.42
CA ARG A 50 -5.60 -3.81 17.42
C ARG A 50 -4.17 -4.32 17.42
N ILE A 51 -3.28 -3.53 18.03
CA ILE A 51 -1.87 -3.88 18.14
C ILE A 51 -1.33 -3.53 19.53
N ASP A 52 -0.39 -4.35 19.99
CA ASP A 52 0.29 -4.11 21.27
C ASP A 52 1.62 -3.51 20.85
N PRO A 53 1.83 -2.20 21.12
CA PRO A 53 3.08 -1.54 20.74
C PRO A 53 4.34 -2.12 21.40
N ASN A 54 4.21 -2.75 22.56
CA ASN A 54 5.35 -3.31 23.27
C ASN A 54 5.94 -4.54 22.59
N SER A 55 5.11 -5.55 22.34
CA SER A 55 5.58 -6.79 21.71
C SER A 55 5.34 -6.86 20.20
N GLY A 56 4.44 -6.03 19.70
CA GLY A 56 4.14 -6.04 18.28
C GLY A 56 3.05 -6.99 17.83
N GLY A 57 2.41 -7.69 18.77
CA GLY A 57 1.35 -8.61 18.41
C GLY A 57 0.09 -7.88 17.93
N THR A 58 -0.65 -8.51 17.03
CA THR A 58 -1.88 -7.91 16.48
C THR A 58 -3.06 -8.88 16.44
N LYS A 59 -4.27 -8.33 16.36
CA LYS A 59 -5.50 -9.12 16.28
C LYS A 59 -6.43 -8.33 15.35
N TYR A 60 -6.97 -8.98 14.33
CA TYR A 60 -7.86 -8.34 13.36
C TYR A 60 -9.28 -8.86 13.33
N ASN A 61 -10.19 -8.02 12.83
CA ASN A 61 -11.58 -8.42 12.64
C ASN A 61 -11.41 -9.17 11.31
N GLU A 62 -11.85 -10.43 11.25
CA GLU A 62 -11.69 -11.25 10.05
C GLU A 62 -12.09 -10.55 8.75
N LYS A 63 -13.12 -9.74 8.83
CA LYS A 63 -13.62 -8.98 7.69
C LYS A 63 -12.61 -7.99 7.08
N PHE A 64 -11.70 -7.49 7.91
CA PHE A 64 -10.72 -6.49 7.47
C PHE A 64 -9.29 -6.99 7.35
N LYS A 65 -9.09 -8.30 7.54
CA LYS A 65 -7.75 -8.88 7.50
C LYS A 65 -7.00 -8.66 6.17
N SER A 66 -7.72 -8.71 5.06
CA SER A 66 -7.09 -8.52 3.76
C SER A 66 -6.96 -7.05 3.36
N LYS A 67 -7.63 -6.18 4.10
CA LYS A 67 -7.65 -4.74 3.83
C LYS A 67 -6.72 -3.87 4.67
N ALA A 68 -6.53 -4.24 5.94
CA ALA A 68 -5.71 -3.44 6.84
C ALA A 68 -4.50 -4.11 7.45
N THR A 69 -3.45 -3.32 7.70
CA THR A 69 -2.20 -3.79 8.32
C THR A 69 -1.80 -2.76 9.37
N LEU A 70 -1.56 -3.22 10.60
CA LEU A 70 -1.16 -2.32 11.69
C LEU A 70 0.31 -2.44 12.07
N THR A 71 0.96 -1.30 12.28
CA THR A 71 2.38 -1.24 12.69
C THR A 71 2.58 -0.03 13.63
N VAL A 72 3.74 0.02 14.29
CA VAL A 72 4.07 1.15 15.19
C VAL A 72 5.54 1.55 15.01
N ASP A 73 5.85 2.78 15.43
CA ASP A 73 7.23 3.27 15.43
C ASP A 73 7.45 3.74 16.85
N LYS A 74 8.21 2.96 17.62
CA LYS A 74 8.49 3.27 19.01
C LYS A 74 9.14 4.63 19.28
N PRO A 75 10.24 4.95 18.56
CA PRO A 75 10.89 6.25 18.83
C PRO A 75 10.00 7.49 18.75
N SER A 76 9.10 7.54 17.77
CA SER A 76 8.23 8.70 17.63
C SER A 76 6.87 8.55 18.27
N SER A 77 6.63 7.45 18.96
CA SER A 77 5.34 7.20 19.63
C SER A 77 4.15 7.32 18.67
N THR A 78 4.28 6.69 17.50
CA THR A 78 3.24 6.75 16.48
C THR A 78 2.75 5.37 16.02
N ALA A 79 1.43 5.22 15.88
CA ALA A 79 0.79 3.99 15.41
C ALA A 79 0.35 4.22 13.95
N TYR A 80 0.40 3.18 13.12
CA TYR A 80 0.01 3.31 11.71
C TYR A 80 -0.97 2.26 11.24
N MET A 81 -1.78 2.61 10.25
CA MET A 81 -2.72 1.69 9.64
C MET A 81 -2.72 1.88 8.12
N GLN A 82 -2.29 0.84 7.41
CA GLN A 82 -2.23 0.84 5.95
C GLN A 82 -3.47 0.17 5.37
N LEU A 83 -4.17 0.88 4.49
CA LEU A 83 -5.36 0.37 3.81
C LEU A 83 -5.02 0.23 2.33
N SER A 84 -5.42 -0.89 1.71
CA SER A 84 -5.10 -1.13 0.31
C SER A 84 -6.30 -1.45 -0.58
N SER A 85 -6.10 -1.32 -1.88
CA SER A 85 -7.12 -1.62 -2.89
C SER A 85 -8.50 -1.06 -2.52
N LEU A 86 -8.52 0.22 -2.20
CA LEU A 86 -9.74 0.90 -1.77
C LEU A 86 -10.89 0.91 -2.78
N THR A 87 -12.11 0.78 -2.25
CA THR A 87 -13.34 0.78 -3.03
C THR A 87 -14.29 1.80 -2.40
N SER A 88 -15.46 1.98 -3.01
CA SER A 88 -16.44 2.93 -2.49
C SER A 88 -16.87 2.59 -1.06
N GLU A 89 -16.94 1.30 -0.74
CA GLU A 89 -17.34 0.87 0.60
C GLU A 89 -16.28 1.18 1.66
N ASP A 90 -15.14 1.73 1.24
CA ASP A 90 -14.06 2.08 2.15
C ASP A 90 -14.09 3.55 2.57
N SER A 91 -14.95 4.35 1.94
CA SER A 91 -15.06 5.75 2.29
C SER A 91 -15.62 5.83 3.70
N ALA A 92 -14.93 6.55 4.59
CA ALA A 92 -15.36 6.67 5.98
C ALA A 92 -14.39 7.53 6.79
N VAL A 93 -14.71 7.70 8.07
CA VAL A 93 -13.84 8.41 8.99
C VAL A 93 -13.22 7.28 9.81
N TYR A 94 -11.89 7.26 9.88
CA TYR A 94 -11.17 6.25 10.63
C TYR A 94 -10.56 6.85 11.91
N TYR A 95 -10.76 6.17 13.03
CA TYR A 95 -10.25 6.61 14.34
C TYR A 95 -9.27 5.63 14.98
N CYS A 96 -8.38 6.14 15.81
CA CYS A 96 -7.47 5.30 16.60
C CYS A 96 -7.94 5.58 18.03
N ALA A 97 -7.86 4.60 18.91
CA ALA A 97 -8.29 4.77 20.30
C ALA A 97 -7.44 3.92 21.26
N ARG A 98 -7.13 4.49 22.42
CA ARG A 98 -6.31 3.82 23.43
C ARG A 98 -7.08 2.92 24.40
N TYR A 99 -6.57 1.70 24.57
CA TYR A 99 -7.14 0.68 25.44
C TYR A 99 -6.83 1.02 26.91
N ASP A 100 -7.62 0.47 27.83
CA ASP A 100 -7.39 0.68 29.26
C ASP A 100 -6.09 -0.06 29.62
N TYR A 101 -5.36 0.44 30.62
CA TYR A 101 -4.09 -0.17 31.07
C TYR A 101 -4.25 -1.63 31.50
N TYR A 102 -5.37 -1.97 32.12
CA TYR A 102 -5.65 -3.32 32.56
C TYR A 102 -6.72 -4.01 31.70
N GLY A 103 -7.06 -3.41 30.57
CA GLY A 103 -8.07 -3.99 29.70
C GLY A 103 -9.48 -4.03 30.28
N SER A 104 -9.78 -3.15 31.24
CA SER A 104 -11.11 -3.09 31.86
C SER A 104 -12.16 -2.51 30.91
N SER A 105 -11.72 -1.63 30.03
CA SER A 105 -12.59 -0.98 29.04
C SER A 105 -11.83 -0.86 27.72
N TYR A 106 -12.55 -0.68 26.62
CA TYR A 106 -11.93 -0.63 25.30
C TYR A 106 -11.39 0.64 24.67
N PHE A 107 -12.22 1.66 24.50
CA PHE A 107 -11.78 2.88 23.85
C PHE A 107 -11.84 4.07 24.80
N ASP A 108 -10.81 4.21 25.64
CA ASP A 108 -10.74 5.27 26.65
C ASP A 108 -10.48 6.67 26.14
N TYR A 109 -9.61 6.79 25.14
CA TYR A 109 -9.27 8.08 24.54
C TYR A 109 -9.28 7.91 23.03
N TRP A 110 -9.85 8.90 22.34
CA TRP A 110 -9.98 8.86 20.88
C TRP A 110 -9.22 9.96 20.14
N GLY A 111 -8.76 9.62 18.94
CA GLY A 111 -8.10 10.60 18.10
C GLY A 111 -9.23 11.42 17.48
N GLN A 112 -8.90 12.48 16.75
CA GLN A 112 -9.92 13.30 16.13
C GLN A 112 -10.50 12.69 14.84
N GLY A 113 -9.85 11.64 14.33
CA GLY A 113 -10.31 11.01 13.12
C GLY A 113 -9.69 11.52 11.83
N THR A 114 -9.64 10.64 10.82
CA THR A 114 -9.10 10.96 9.51
C THR A 114 -10.14 10.56 8.46
N THR A 115 -10.61 11.51 7.67
CA THR A 115 -11.60 11.24 6.62
C THR A 115 -10.92 10.73 5.35
N VAL A 116 -11.39 9.59 4.84
CA VAL A 116 -10.87 9.01 3.60
C VAL A 116 -12.06 8.94 2.64
N THR A 117 -11.94 9.61 1.51
CA THR A 117 -12.99 9.63 0.50
C THR A 117 -12.50 9.00 -0.81
N VAL A 118 -13.16 7.93 -1.24
CA VAL A 118 -12.83 7.28 -2.49
C VAL A 118 -13.82 7.89 -3.49
N SER A 119 -13.31 8.43 -4.59
CA SER A 119 -14.17 9.07 -5.58
C SER A 119 -15.21 8.14 -6.21
N SER A 120 -16.41 8.66 -6.41
CA SER A 120 -17.50 7.90 -7.01
C SER A 120 -17.54 8.11 -8.53
N ASP A 121 -17.92 7.06 -9.26
CA ASP A 121 -18.03 7.12 -10.71
C ASP A 121 -19.19 8.05 -11.06
N ILE A 122 -19.12 8.67 -12.24
CA ILE A 122 -20.18 9.56 -12.68
C ILE A 122 -21.35 8.75 -13.25
N GLU A 123 -22.55 9.09 -12.78
CA GLU A 123 -23.78 8.44 -13.21
C GLU A 123 -24.56 9.39 -14.12
N LEU A 124 -24.89 8.91 -15.30
CA LEU A 124 -25.66 9.67 -16.30
C LEU A 124 -27.11 9.18 -16.29
N THR A 125 -28.03 10.01 -15.80
CA THR A 125 -29.44 9.66 -15.75
C THR A 125 -30.08 10.12 -17.06
N GLN A 126 -30.58 9.18 -17.84
CA GLN A 126 -31.19 9.46 -19.14
C GLN A 126 -32.71 9.28 -19.11
N THR A 127 -33.43 10.30 -19.55
CA THR A 127 -34.90 10.29 -19.56
C THR A 127 -35.47 10.66 -20.94
N PRO A 128 -36.52 9.95 -21.40
CA PRO A 128 -37.24 8.83 -20.77
C PRO A 128 -36.69 7.50 -21.26
N LEU A 129 -37.05 6.41 -20.60
CA LEU A 129 -36.59 5.08 -20.99
C LEU A 129 -37.23 4.65 -22.31
N SER A 130 -38.50 5.03 -22.49
CA SER A 130 -39.26 4.72 -23.71
C SER A 130 -39.86 6.00 -24.25
N LEU A 131 -39.78 6.17 -25.56
CA LEU A 131 -40.32 7.36 -26.21
C LEU A 131 -41.02 7.07 -27.53
N PRO A 132 -42.35 6.85 -27.46
CA PRO A 132 -43.17 6.57 -28.66
C PRO A 132 -43.47 7.91 -29.31
N VAL A 133 -43.31 8.00 -30.64
CA VAL A 133 -43.57 9.23 -31.37
C VAL A 133 -44.23 8.93 -32.71
N SER A 134 -44.84 9.95 -33.30
CA SER A 134 -45.47 9.80 -34.61
C SER A 134 -44.46 10.30 -35.65
N LEU A 135 -44.45 9.68 -36.83
CA LEU A 135 -43.54 10.11 -37.90
C LEU A 135 -43.74 11.60 -38.13
N GLY A 136 -42.65 12.33 -38.27
CA GLY A 136 -42.76 13.76 -38.50
C GLY A 136 -42.71 14.62 -37.24
N ASP A 137 -42.94 13.99 -36.08
CA ASP A 137 -42.91 14.69 -34.80
C ASP A 137 -41.49 15.06 -34.40
N GLN A 138 -41.39 15.96 -33.42
CA GLN A 138 -40.11 16.41 -32.90
C GLN A 138 -39.88 15.55 -31.62
N ALA A 139 -38.63 15.20 -31.34
CA ALA A 139 -38.30 14.39 -30.15
C ALA A 139 -37.22 15.10 -29.33
N SER A 140 -37.29 14.91 -28.01
CA SER A 140 -36.34 15.53 -27.08
C SER A 140 -35.88 14.50 -26.02
N ILE A 141 -34.57 14.40 -25.81
CA ILE A 141 -34.02 13.44 -24.83
C ILE A 141 -33.11 14.16 -23.83
N SER A 142 -33.25 13.81 -22.55
CA SER A 142 -32.47 14.41 -21.47
C SER A 142 -31.35 13.51 -20.91
N CYS A 143 -30.23 14.12 -20.53
CA CYS A 143 -29.09 13.41 -19.94
C CYS A 143 -28.49 14.31 -18.86
N ARG A 144 -28.64 13.92 -17.59
CA ARG A 144 -28.14 14.72 -16.48
C ARG A 144 -27.13 13.91 -15.66
N SER A 145 -26.02 14.55 -15.28
CA SER A 145 -24.96 13.88 -14.54
C SER A 145 -24.79 14.21 -13.07
N SER A 146 -24.22 13.26 -12.33
CA SER A 146 -23.96 13.39 -10.90
C SER A 146 -22.75 14.29 -10.59
N GLN A 147 -21.96 14.59 -11.62
CA GLN A 147 -20.78 15.43 -11.49
C GLN A 147 -20.58 16.17 -12.81
N SER A 148 -19.90 17.32 -12.76
CA SER A 148 -19.64 18.13 -13.95
C SER A 148 -18.85 17.37 -15.02
N ILE A 149 -19.25 17.56 -16.27
CA ILE A 149 -18.60 16.90 -17.41
C ILE A 149 -17.49 17.79 -17.99
N VAL A 150 -17.22 18.91 -17.33
CA VAL A 150 -16.17 19.80 -17.78
C VAL A 150 -14.81 19.20 -17.39
N HIS A 151 -13.86 19.21 -18.34
CA HIS A 151 -12.51 18.69 -18.15
C HIS A 151 -11.60 19.88 -17.81
N SER A 152 -10.51 19.63 -17.08
CA SER A 152 -9.58 20.71 -16.71
C SER A 152 -8.99 21.47 -17.91
N ASN A 153 -8.96 20.84 -19.08
CA ASN A 153 -8.43 21.48 -20.29
C ASN A 153 -9.45 22.43 -20.94
N GLY A 154 -10.65 22.52 -20.37
CA GLY A 154 -11.67 23.40 -20.90
C GLY A 154 -12.80 22.79 -21.72
N ASN A 155 -12.59 21.59 -22.26
CA ASN A 155 -13.59 20.90 -23.08
C ASN A 155 -14.60 20.10 -22.27
N THR A 156 -15.75 19.80 -22.90
CA THR A 156 -16.80 19.03 -22.26
C THR A 156 -17.10 17.85 -23.21
N TYR A 157 -16.56 16.68 -22.88
CA TYR A 157 -16.71 15.49 -23.71
C TYR A 157 -18.02 14.72 -23.51
N LEU A 158 -19.12 15.37 -23.88
CA LEU A 158 -20.45 14.77 -23.76
C LEU A 158 -20.85 14.40 -25.20
N GLU A 159 -21.21 13.13 -25.40
CA GLU A 159 -21.56 12.63 -26.73
C GLU A 159 -22.90 11.90 -26.77
N TRP A 160 -23.44 11.76 -27.97
CA TRP A 160 -24.72 11.07 -28.20
C TRP A 160 -24.55 10.01 -29.30
N TYR A 161 -25.02 8.79 -29.04
CA TYR A 161 -24.94 7.65 -29.98
C TYR A 161 -26.31 7.02 -30.27
N LEU A 162 -26.47 6.44 -31.47
CA LEU A 162 -27.71 5.76 -31.88
C LEU A 162 -27.42 4.34 -32.33
N GLN A 163 -28.13 3.37 -31.74
CA GLN A 163 -27.96 1.97 -32.11
C GLN A 163 -29.23 1.47 -32.80
N LYS A 164 -29.16 1.35 -34.12
CA LYS A 164 -30.28 0.88 -34.93
C LYS A 164 -30.40 -0.63 -34.71
N PRO A 165 -31.63 -1.16 -34.83
CA PRO A 165 -31.88 -2.59 -34.64
C PRO A 165 -30.95 -3.49 -35.46
N GLY A 166 -30.22 -4.36 -34.75
CA GLY A 166 -29.31 -5.29 -35.39
C GLY A 166 -27.98 -4.72 -35.84
N GLN A 167 -27.70 -3.49 -35.44
CA GLN A 167 -26.45 -2.82 -35.83
C GLN A 167 -25.65 -2.38 -34.61
N SER A 168 -24.41 -1.93 -34.84
CA SER A 168 -23.57 -1.44 -33.76
C SER A 168 -23.87 0.05 -33.55
N PRO A 169 -23.50 0.61 -32.39
CA PRO A 169 -23.78 2.03 -32.19
C PRO A 169 -23.00 2.87 -33.20
N LYS A 170 -23.45 4.11 -33.42
CA LYS A 170 -22.78 5.02 -34.34
C LYS A 170 -22.82 6.43 -33.72
N LEU A 171 -21.75 7.18 -33.87
CA LEU A 171 -21.64 8.52 -33.32
C LEU A 171 -22.51 9.57 -34.02
N LEU A 172 -23.25 10.35 -33.24
CA LEU A 172 -24.09 11.41 -33.79
C LEU A 172 -23.56 12.79 -33.43
N ILE A 173 -23.34 13.01 -32.13
CA ILE A 173 -22.89 14.31 -31.61
C ILE A 173 -21.69 14.16 -30.68
N TYR A 174 -20.70 15.04 -30.84
CA TYR A 174 -19.51 15.04 -29.98
C TYR A 174 -19.30 16.45 -29.43
N LYS A 175 -18.57 16.55 -28.31
CA LYS A 175 -18.33 17.84 -27.66
C LYS A 175 -19.62 18.68 -27.54
N VAL A 176 -20.65 18.05 -26.98
CA VAL A 176 -21.95 18.64 -26.72
C VAL A 176 -22.87 19.00 -27.90
N SER A 177 -22.34 19.72 -28.88
CA SER A 177 -23.18 20.18 -29.98
C SER A 177 -22.64 20.01 -31.40
N ASN A 178 -21.52 19.31 -31.56
CA ASN A 178 -20.93 19.14 -32.88
C ASN A 178 -21.39 17.87 -33.58
N ARG A 179 -21.79 18.00 -34.84
CA ARG A 179 -22.24 16.86 -35.65
C ARG A 179 -21.09 16.08 -36.26
N PHE A 180 -21.17 14.75 -36.22
CA PHE A 180 -20.13 13.91 -36.81
C PHE A 180 -20.42 13.86 -38.31
N SER A 181 -19.56 13.20 -39.09
CA SER A 181 -19.79 13.10 -40.54
C SER A 181 -21.03 12.28 -40.89
N GLY A 182 -21.76 12.74 -41.90
CA GLY A 182 -22.94 12.04 -42.36
C GLY A 182 -24.23 12.34 -41.59
N VAL A 183 -24.09 12.81 -40.36
CA VAL A 183 -25.24 13.11 -39.50
C VAL A 183 -26.14 14.23 -40.02
N PRO A 184 -27.45 13.93 -40.21
CA PRO A 184 -28.45 14.87 -40.70
C PRO A 184 -28.52 16.12 -39.83
N ASP A 185 -28.88 17.25 -40.43
CA ASP A 185 -29.00 18.49 -39.69
C ASP A 185 -30.19 18.50 -38.72
N ARG A 186 -31.06 17.50 -38.84
CA ARG A 186 -32.22 17.40 -37.96
C ARG A 186 -31.83 17.06 -36.51
N PHE A 187 -30.59 16.60 -36.30
CA PHE A 187 -30.09 16.26 -34.95
C PHE A 187 -29.30 17.42 -34.36
N SER A 188 -29.63 17.81 -33.14
CA SER A 188 -28.90 18.89 -32.48
C SER A 188 -28.73 18.66 -30.97
N GLY A 189 -27.56 19.01 -30.45
CA GLY A 189 -27.28 18.84 -29.04
C GLY A 189 -27.02 20.16 -28.36
N SER A 190 -27.36 20.26 -27.07
CA SER A 190 -27.14 21.48 -26.29
C SER A 190 -26.94 21.13 -24.83
N GLY A 191 -26.58 22.13 -24.02
CA GLY A 191 -26.38 21.93 -22.60
C GLY A 191 -24.99 22.28 -22.10
N SER A 192 -24.79 22.18 -20.79
CA SER A 192 -23.50 22.47 -20.18
C SER A 192 -23.43 21.95 -18.74
N GLY A 193 -22.21 21.80 -18.23
CA GLY A 193 -22.01 21.33 -16.88
C GLY A 193 -22.53 19.94 -16.56
N THR A 194 -23.75 19.89 -16.02
CA THR A 194 -24.39 18.63 -15.63
C THR A 194 -25.75 18.37 -16.30
N ASP A 195 -26.17 19.25 -17.23
CA ASP A 195 -27.47 19.09 -17.89
C ASP A 195 -27.39 19.27 -19.41
N PHE A 196 -27.81 18.24 -20.15
CA PHE A 196 -27.74 18.23 -21.60
C PHE A 196 -29.01 17.71 -22.26
N THR A 197 -29.19 18.06 -23.53
CA THR A 197 -30.36 17.67 -24.30
C THR A 197 -30.06 17.37 -25.77
N LEU A 198 -30.70 16.32 -26.31
CA LEU A 198 -30.58 15.96 -27.73
C LEU A 198 -31.96 16.18 -28.35
N LYS A 199 -32.01 16.84 -29.50
CA LYS A 199 -33.28 17.10 -30.18
C LYS A 199 -33.29 16.58 -31.62
N ILE A 200 -34.42 15.99 -32.02
CA ILE A 200 -34.59 15.48 -33.38
C ILE A 200 -35.79 16.25 -33.92
N SER A 201 -35.56 17.13 -34.89
CA SER A 201 -36.60 17.99 -35.47
C SER A 201 -37.80 17.33 -36.16
N ARG A 202 -37.56 16.29 -36.95
CA ARG A 202 -38.63 15.59 -37.68
C ARG A 202 -38.28 14.10 -37.80
N VAL A 203 -38.83 13.30 -36.90
CA VAL A 203 -38.56 11.86 -36.87
C VAL A 203 -38.90 11.07 -38.12
N GLU A 204 -37.92 10.29 -38.58
CA GLU A 204 -38.04 9.41 -39.76
C GLU A 204 -37.80 7.97 -39.34
N ALA A 205 -38.23 7.02 -40.17
CA ALA A 205 -38.06 5.59 -39.88
C ALA A 205 -36.62 5.20 -39.53
N GLU A 206 -35.66 5.75 -40.25
CA GLU A 206 -34.25 5.46 -40.02
C GLU A 206 -33.72 5.96 -38.66
N ASP A 207 -34.50 6.82 -38.00
CA ASP A 207 -34.11 7.39 -36.70
C ASP A 207 -34.43 6.46 -35.53
N LEU A 208 -35.27 5.46 -35.76
CA LEU A 208 -35.69 4.53 -34.72
C LEU A 208 -34.57 3.65 -34.13
N GLY A 209 -34.61 3.44 -32.83
CA GLY A 209 -33.61 2.62 -32.17
C GLY A 209 -33.36 3.09 -30.75
N VAL A 210 -32.20 2.75 -30.19
CA VAL A 210 -31.84 3.15 -28.83
C VAL A 210 -30.72 4.20 -28.81
N TYR A 211 -31.02 5.35 -28.20
CA TYR A 211 -30.07 6.45 -28.08
C TYR A 211 -29.34 6.38 -26.73
N TYR A 212 -28.04 6.70 -26.73
CA TYR A 212 -27.24 6.69 -25.51
C TYR A 212 -26.40 7.96 -25.40
N CYS A 213 -26.36 8.57 -24.21
CA CYS A 213 -25.47 9.70 -23.99
C CYS A 213 -24.22 9.07 -23.36
N PHE A 214 -23.07 9.73 -23.48
CA PHE A 214 -21.81 9.19 -22.97
C PHE A 214 -20.87 10.32 -22.54
N GLN A 215 -20.10 10.10 -21.47
CA GLN A 215 -19.14 11.12 -21.01
C GLN A 215 -17.71 10.56 -21.03
N GLY A 216 -16.81 11.26 -21.71
CA GLY A 216 -15.41 10.83 -21.77
C GLY A 216 -14.48 11.82 -21.10
N SER A 217 -14.96 12.50 -20.06
CA SER A 217 -14.16 13.50 -19.35
C SER A 217 -13.44 13.01 -18.09
N HIS A 218 -14.05 12.08 -17.34
CA HIS A 218 -13.47 11.57 -16.08
C HIS A 218 -13.57 10.05 -15.99
N VAL A 219 -12.46 9.37 -15.75
CA VAL A 219 -12.46 7.90 -15.65
C VAL A 219 -13.14 7.41 -14.38
N PRO A 220 -13.90 6.30 -14.48
CA PRO A 220 -14.14 5.53 -15.71
C PRO A 220 -15.19 6.22 -16.56
N TYR A 221 -15.01 6.17 -17.88
CA TYR A 221 -15.96 6.79 -18.80
C TYR A 221 -17.26 5.97 -18.72
N THR A 222 -18.39 6.66 -18.73
CA THR A 222 -19.69 6.02 -18.58
C THR A 222 -20.81 6.42 -19.56
N PHE A 223 -21.78 5.52 -19.73
CA PHE A 223 -22.94 5.72 -20.61
C PHE A 223 -24.26 5.88 -19.82
N GLY A 224 -25.24 6.52 -20.44
CA GLY A 224 -26.55 6.68 -19.83
C GLY A 224 -27.31 5.37 -20.04
N GLY A 225 -28.44 5.21 -19.37
CA GLY A 225 -29.21 3.97 -19.49
C GLY A 225 -29.88 3.66 -20.82
N GLY A 226 -30.05 4.66 -21.68
CA GLY A 226 -30.68 4.44 -22.97
C GLY A 226 -32.11 4.93 -23.09
N THR A 227 -32.51 5.26 -24.32
CA THR A 227 -33.86 5.74 -24.64
C THR A 227 -34.28 5.07 -25.94
N LYS A 228 -35.34 4.26 -25.89
CA LYS A 228 -35.84 3.58 -27.07
C LYS A 228 -36.90 4.40 -27.81
N LEU A 229 -36.53 4.89 -28.99
CA LEU A 229 -37.43 5.68 -29.84
C LEU A 229 -38.19 4.72 -30.75
N GLU A 230 -39.52 4.70 -30.61
CA GLU A 230 -40.37 3.83 -31.42
C GLU A 230 -41.61 4.60 -31.86
N ILE A 231 -42.27 4.18 -32.93
CA ILE A 231 -43.43 4.92 -33.41
C ILE A 231 -44.77 4.55 -32.80
N LYS A 232 -45.64 5.56 -32.74
CA LYS A 232 -47.01 5.38 -32.26
C LYS A 232 -47.74 5.04 -33.56
N ARG A 233 -47.61 3.79 -33.97
CA ARG A 233 -48.22 3.27 -35.20
C ARG A 233 -49.74 3.32 -35.14
CA VAL B 2 12.94 22.56 -14.47
C VAL B 2 13.50 21.88 -13.22
N GLN B 3 12.63 21.45 -12.33
CA GLN B 3 13.07 20.75 -11.14
C GLN B 3 12.08 19.67 -10.75
N LEU B 4 12.63 18.53 -10.32
CA LEU B 4 11.85 17.38 -9.86
C LEU B 4 12.30 17.11 -8.43
N GLN B 5 11.44 17.38 -7.46
CA GLN B 5 11.78 17.18 -6.04
C GLN B 5 11.14 15.91 -5.49
N GLN B 6 11.96 15.00 -4.96
CA GLN B 6 11.47 13.74 -4.42
C GLN B 6 11.36 13.71 -2.89
N SER B 7 10.50 12.82 -2.39
CA SER B 7 10.24 12.66 -0.96
C SER B 7 11.44 12.05 -0.22
N GLY B 8 11.42 12.16 1.10
CA GLY B 8 12.50 11.67 1.94
C GLY B 8 12.73 10.18 2.11
N ALA B 9 13.89 9.85 2.68
CA ALA B 9 14.31 8.46 2.91
C ALA B 9 13.29 7.64 3.69
N GLU B 10 13.23 6.36 3.36
CA GLU B 10 12.32 5.43 4.02
C GLU B 10 13.07 4.25 4.65
N LEU B 11 12.68 3.87 5.87
CA LEU B 11 13.28 2.73 6.57
C LEU B 11 12.12 1.84 6.95
N VAL B 12 12.04 0.65 6.34
CA VAL B 12 10.95 -0.28 6.61
C VAL B 12 11.42 -1.71 6.79
N LYS B 13 10.51 -2.57 7.24
CA LYS B 13 10.78 -3.99 7.46
C LYS B 13 10.13 -4.78 6.33
N PRO B 14 10.57 -6.03 6.12
CA PRO B 14 9.99 -6.84 5.05
C PRO B 14 8.46 -6.95 5.14
N GLY B 15 7.80 -6.94 3.98
CA GLY B 15 6.35 -7.03 3.93
C GLY B 15 5.63 -5.69 3.89
N ALA B 16 6.33 -4.61 4.23
CA ALA B 16 5.73 -3.28 4.24
C ALA B 16 5.48 -2.70 2.86
N SER B 17 4.73 -1.60 2.83
CA SER B 17 4.42 -0.89 1.60
C SER B 17 4.84 0.55 1.80
N VAL B 18 5.13 1.25 0.71
CA VAL B 18 5.54 2.66 0.78
C VAL B 18 5.12 3.41 -0.49
N LYS B 19 4.79 4.68 -0.34
CA LYS B 19 4.38 5.52 -1.47
C LYS B 19 5.36 6.68 -1.64
N LEU B 20 6.05 6.73 -2.78
CA LEU B 20 7.01 7.79 -3.06
C LEU B 20 6.38 8.86 -3.94
N SER B 21 6.85 10.11 -3.82
CA SER B 21 6.33 11.22 -4.62
C SER B 21 7.46 11.97 -5.35
N CYS B 22 7.08 12.65 -6.43
CA CYS B 22 7.99 13.40 -7.28
C CYS B 22 7.25 14.65 -7.78
N LYS B 23 7.54 15.80 -7.18
CA LYS B 23 6.86 17.04 -7.56
C LYS B 23 7.64 17.78 -8.64
N ALA B 24 6.93 18.22 -9.67
CA ALA B 24 7.52 18.93 -10.80
C ALA B 24 7.24 20.44 -10.84
N SER B 25 8.21 21.20 -11.33
CA SER B 25 8.08 22.65 -11.44
C SER B 25 8.94 23.18 -12.58
N GLY B 26 8.58 24.36 -13.10
CA GLY B 26 9.34 24.96 -14.18
C GLY B 26 8.87 24.62 -15.58
N TYR B 27 7.79 23.84 -15.67
CA TYR B 27 7.25 23.45 -16.97
C TYR B 27 5.80 22.97 -16.80
N THR B 28 5.10 22.73 -17.91
CA THR B 28 3.73 22.25 -17.86
C THR B 28 3.73 20.72 -17.64
N PHE B 29 3.43 20.34 -16.40
CA PHE B 29 3.41 18.94 -15.96
C PHE B 29 2.75 17.95 -16.91
N THR B 30 1.59 18.32 -17.45
CA THR B 30 0.85 17.45 -18.35
C THR B 30 1.43 17.31 -19.74
N SER B 31 2.43 18.11 -20.07
CA SER B 31 3.03 18.06 -21.40
C SER B 31 4.21 17.11 -21.62
N TYR B 32 4.65 16.41 -20.58
CA TYR B 32 5.78 15.47 -20.67
C TYR B 32 5.44 14.20 -19.91
N TRP B 33 6.00 13.06 -20.34
CA TRP B 33 5.76 11.79 -19.66
C TRP B 33 6.76 11.67 -18.51
N MET B 34 6.47 10.81 -17.53
CA MET B 34 7.35 10.61 -16.37
C MET B 34 7.72 9.13 -16.22
N HIS B 35 9.01 8.86 -16.02
CA HIS B 35 9.49 7.50 -15.84
C HIS B 35 10.05 7.34 -14.41
N TRP B 36 10.14 6.09 -13.95
CA TRP B 36 10.70 5.76 -12.65
C TRP B 36 11.81 4.71 -12.87
N VAL B 37 12.96 4.91 -12.22
CA VAL B 37 14.13 4.05 -12.35
C VAL B 37 14.64 3.56 -10.97
N LYS B 38 15.14 2.32 -10.92
CA LYS B 38 15.65 1.70 -9.69
C LYS B 38 17.17 1.48 -9.76
N GLN B 39 17.86 1.72 -8.64
CA GLN B 39 19.31 1.50 -8.56
C GLN B 39 19.68 0.84 -7.21
N ARG B 40 20.05 -0.44 -7.26
CA ARG B 40 20.42 -1.16 -6.04
C ARG B 40 21.84 -0.79 -5.64
N PRO B 41 22.16 -0.91 -4.33
CA PRO B 41 23.50 -0.57 -3.84
C PRO B 41 24.64 -1.22 -4.63
N GLY B 42 25.31 -0.39 -5.45
CA GLY B 42 26.42 -0.85 -6.27
C GLY B 42 26.12 -1.96 -7.26
N ARG B 43 24.90 -2.03 -7.78
CA ARG B 43 24.53 -3.08 -8.73
C ARG B 43 24.15 -2.67 -10.16
N GLY B 44 23.53 -1.50 -10.32
CA GLY B 44 23.14 -1.06 -11.65
C GLY B 44 21.75 -0.45 -11.72
N LEU B 45 21.39 0.08 -12.89
CA LEU B 45 20.09 0.73 -13.10
C LEU B 45 19.06 -0.15 -13.81
N GLU B 46 17.79 0.03 -13.44
CA GLU B 46 16.68 -0.71 -14.05
C GLU B 46 15.49 0.21 -14.32
N TRP B 47 14.78 -0.02 -15.43
CA TRP B 47 13.60 0.75 -15.80
C TRP B 47 12.36 0.08 -15.20
N ILE B 48 11.57 0.86 -14.46
CA ILE B 48 10.36 0.36 -13.81
C ILE B 48 9.12 0.49 -14.69
N GLY B 49 8.86 1.70 -15.19
CA GLY B 49 7.69 1.94 -16.04
C GLY B 49 7.48 3.43 -16.25
N ARG B 50 6.37 3.80 -16.88
CA ARG B 50 6.07 5.22 -17.11
C ARG B 50 4.58 5.54 -17.14
N ILE B 51 4.28 6.83 -16.98
CA ILE B 51 2.91 7.31 -17.00
C ILE B 51 2.83 8.62 -17.78
N ASP B 52 1.71 8.82 -18.46
CA ASP B 52 1.46 10.06 -19.19
C ASP B 52 0.56 10.84 -18.24
N PRO B 53 1.01 12.00 -17.73
CA PRO B 53 0.16 12.75 -16.80
C PRO B 53 -1.12 13.35 -17.41
N ASN B 54 -1.12 13.60 -18.71
CA ASN B 54 -2.27 14.17 -19.41
C ASN B 54 -3.46 13.21 -19.46
N SER B 55 -3.26 12.01 -20.00
CA SER B 55 -4.36 11.05 -20.11
C SER B 55 -4.38 9.95 -19.03
N GLY B 56 -3.25 9.72 -18.38
CA GLY B 56 -3.21 8.70 -17.34
C GLY B 56 -2.80 7.31 -17.82
N GLY B 57 -2.42 7.17 -19.08
CA GLY B 57 -2.02 5.87 -19.58
C GLY B 57 -0.68 5.46 -19.00
N THR B 58 -0.48 4.16 -18.81
CA THR B 58 0.76 3.63 -18.25
C THR B 58 1.32 2.44 -19.04
N LYS B 59 2.62 2.18 -18.84
CA LYS B 59 3.32 1.05 -19.45
C LYS B 59 4.37 0.60 -18.43
N TYR B 60 4.37 -0.69 -18.10
CA TYR B 60 5.28 -1.26 -17.08
C TYR B 60 6.28 -2.31 -17.54
N ASN B 61 7.38 -2.42 -16.81
CA ASN B 61 8.39 -3.46 -17.07
C ASN B 61 7.68 -4.66 -16.42
N GLU B 62 7.46 -5.73 -17.19
CA GLU B 62 6.76 -6.91 -16.69
C GLU B 62 7.26 -7.39 -15.31
N LYS B 63 8.56 -7.26 -15.10
CA LYS B 63 9.19 -7.66 -13.85
C LYS B 63 8.66 -6.92 -12.62
N PHE B 64 8.22 -5.67 -12.79
CA PHE B 64 7.75 -4.85 -11.67
C PHE B 64 6.24 -4.58 -11.65
N LYS B 65 5.49 -5.22 -12.53
CA LYS B 65 4.05 -5.00 -12.62
C LYS B 65 3.26 -5.29 -11.35
N SER B 66 3.63 -6.35 -10.64
CA SER B 66 2.94 -6.68 -9.40
C SER B 66 3.48 -5.94 -8.17
N LYS B 67 4.63 -5.30 -8.32
CA LYS B 67 5.28 -4.57 -7.23
C LYS B 67 4.99 -3.07 -7.17
N ALA B 68 4.77 -2.45 -8.33
CA ALA B 68 4.56 -1.01 -8.39
C ALA B 68 3.31 -0.53 -9.15
N THR B 69 2.80 0.63 -8.72
CA THR B 69 1.64 1.27 -9.34
C THR B 69 1.95 2.76 -9.45
N LEU B 70 1.77 3.32 -10.65
CA LEU B 70 2.06 4.73 -10.91
C LEU B 70 0.79 5.56 -11.08
N THR B 71 0.77 6.76 -10.48
CA THR B 71 -0.36 7.68 -10.57
C THR B 71 0.16 9.13 -10.57
N VAL B 72 -0.75 10.10 -10.77
CA VAL B 72 -0.39 11.52 -10.75
C VAL B 72 -1.54 12.34 -10.15
N ASP B 73 -1.23 13.58 -9.77
CA ASP B 73 -2.23 14.51 -9.22
C ASP B 73 -1.95 15.82 -9.94
N LYS B 74 -2.77 16.12 -10.95
CA LYS B 74 -2.60 17.32 -11.76
C LYS B 74 -2.54 18.65 -11.02
N PRO B 75 -3.52 18.90 -10.11
CA PRO B 75 -3.47 20.17 -9.38
C PRO B 75 -2.14 20.50 -8.70
N SER B 76 -1.51 19.50 -8.10
CA SER B 76 -0.24 19.72 -7.41
C SER B 76 0.97 19.37 -8.28
N SER B 77 0.73 18.94 -9.52
CA SER B 77 1.82 18.58 -10.43
C SER B 77 2.77 17.56 -9.80
N THR B 78 2.21 16.53 -9.19
CA THR B 78 3.02 15.49 -8.53
C THR B 78 2.77 14.08 -9.06
N ALA B 79 3.86 13.32 -9.21
CA ALA B 79 3.79 11.94 -9.68
C ALA B 79 4.06 11.02 -8.48
N TYR B 80 3.38 9.87 -8.42
CA TYR B 80 3.54 8.91 -7.32
C TYR B 80 3.82 7.47 -7.75
N MET B 81 4.52 6.73 -6.89
CA MET B 81 4.82 5.32 -7.13
C MET B 81 4.59 4.56 -5.82
N GLN B 82 3.63 3.65 -5.83
CA GLN B 82 3.30 2.82 -4.68
C GLN B 82 3.98 1.47 -4.83
N LEU B 83 4.77 1.10 -3.82
CA LEU B 83 5.47 -0.20 -3.80
C LEU B 83 4.84 -1.05 -2.69
N SER B 84 4.64 -2.33 -2.94
CA SER B 84 4.02 -3.24 -1.96
C SER B 84 4.86 -4.51 -1.74
N SER B 85 4.58 -5.23 -0.64
CA SER B 85 5.28 -6.47 -0.30
C SER B 85 6.80 -6.39 -0.43
N LEU B 86 7.38 -5.35 0.16
CA LEU B 86 8.83 -5.14 0.07
C LEU B 86 9.68 -6.26 0.66
N THR B 87 10.81 -6.53 0.02
CA THR B 87 11.75 -7.54 0.48
C THR B 87 13.16 -6.94 0.41
N SER B 88 14.16 -7.68 0.86
CA SER B 88 15.53 -7.20 0.83
C SER B 88 16.00 -6.83 -0.58
N GLU B 89 15.44 -7.49 -1.59
CA GLU B 89 15.80 -7.21 -2.98
C GLU B 89 15.27 -5.85 -3.45
N ASP B 90 14.43 -5.23 -2.62
CA ASP B 90 13.85 -3.94 -2.96
C ASP B 90 14.60 -2.73 -2.41
N SER B 91 15.59 -2.95 -1.56
CA SER B 91 16.37 -1.83 -1.00
C SER B 91 17.11 -1.20 -2.18
N ALA B 92 16.87 0.09 -2.41
CA ALA B 92 17.50 0.79 -3.52
C ALA B 92 17.22 2.29 -3.46
N VAL B 93 17.79 3.02 -4.41
CA VAL B 93 17.55 4.45 -4.54
C VAL B 93 16.63 4.47 -5.76
N TYR B 94 15.48 5.13 -5.63
CA TYR B 94 14.49 5.24 -6.71
C TYR B 94 14.43 6.66 -7.25
N TYR B 95 14.44 6.78 -8.57
CA TYR B 95 14.42 8.08 -9.25
C TYR B 95 13.21 8.26 -10.14
N CYS B 96 12.82 9.51 -10.32
CA CYS B 96 11.75 9.87 -11.26
C CYS B 96 12.53 10.69 -12.30
N ALA B 97 12.17 10.57 -13.57
CA ALA B 97 12.86 11.30 -14.64
C ALA B 97 11.86 11.71 -15.72
N ARG B 98 12.03 12.91 -16.25
CA ARG B 98 11.14 13.45 -17.29
C ARG B 98 11.52 12.97 -18.69
N TYR B 99 10.50 12.60 -19.46
CA TYR B 99 10.68 12.13 -20.84
C TYR B 99 10.47 13.37 -21.68
N ASP B 100 11.30 13.53 -22.71
CA ASP B 100 11.24 14.68 -23.62
C ASP B 100 9.85 15.05 -24.10
N TYR B 101 9.72 16.25 -24.66
CA TYR B 101 8.43 16.71 -25.17
C TYR B 101 8.15 15.87 -26.42
N TYR B 102 9.17 15.72 -27.26
CA TYR B 102 9.05 14.92 -28.47
C TYR B 102 9.24 13.45 -28.04
N GLY B 103 10.07 12.68 -28.73
CA GLY B 103 10.25 11.30 -28.32
C GLY B 103 11.66 10.76 -28.38
N SER B 104 12.65 11.63 -28.62
CA SER B 104 14.04 11.22 -28.72
C SER B 104 14.76 10.80 -27.43
N SER B 105 14.96 11.75 -26.52
CA SER B 105 15.65 11.48 -25.26
C SER B 105 14.72 11.04 -24.13
N TYR B 106 15.08 9.94 -23.49
CA TYR B 106 14.27 9.36 -22.42
C TYR B 106 14.27 10.04 -21.05
N PHE B 107 15.44 10.50 -20.59
CA PHE B 107 15.52 11.12 -19.28
C PHE B 107 16.36 12.39 -19.33
N ASP B 108 15.74 13.53 -19.64
CA ASP B 108 16.50 14.77 -19.72
C ASP B 108 16.68 15.52 -18.40
N TYR B 109 15.77 15.28 -17.45
CA TYR B 109 15.83 15.89 -16.12
C TYR B 109 15.45 14.82 -15.10
N TRP B 110 16.28 14.69 -14.06
CA TRP B 110 16.08 13.67 -13.01
C TRP B 110 15.82 14.28 -11.63
N GLY B 111 15.10 13.55 -10.78
CA GLY B 111 14.89 14.01 -9.42
C GLY B 111 16.17 13.64 -8.66
N GLN B 112 16.28 14.02 -7.39
CA GLN B 112 17.48 13.68 -6.63
C GLN B 112 17.51 12.24 -6.12
N GLY B 113 16.38 11.54 -6.19
CA GLY B 113 16.29 10.17 -5.74
C GLY B 113 15.82 10.01 -4.30
N THR B 114 15.20 8.87 -4.00
CA THR B 114 14.72 8.54 -2.66
C THR B 114 15.30 7.17 -2.27
N THR B 115 16.03 7.09 -1.16
CA THR B 115 16.59 5.80 -0.76
C THR B 115 15.58 5.07 0.12
N VAL B 116 15.34 3.81 -0.22
CA VAL B 116 14.42 2.95 0.53
C VAL B 116 15.24 1.77 1.04
N THR B 117 15.38 1.67 2.37
CA THR B 117 16.13 0.58 3.00
C THR B 117 15.21 -0.38 3.76
N VAL B 118 15.24 -1.65 3.36
CA VAL B 118 14.44 -2.69 4.00
C VAL B 118 15.39 -3.39 4.99
N SER B 119 15.01 -3.44 6.26
CA SER B 119 15.85 -4.04 7.30
C SER B 119 16.24 -5.49 7.03
N SER B 120 17.46 -5.84 7.45
CA SER B 120 18.00 -7.19 7.29
C SER B 120 17.82 -8.02 8.55
N ASP B 121 17.54 -9.30 8.38
CA ASP B 121 17.36 -10.22 9.50
C ASP B 121 18.71 -10.44 10.19
N ILE B 122 18.68 -10.68 11.50
CA ILE B 122 19.91 -10.90 12.27
C ILE B 122 20.40 -12.31 12.04
N GLU B 123 21.68 -12.42 11.67
CA GLU B 123 22.32 -13.71 11.42
C GLU B 123 23.24 -14.03 12.57
N LEU B 124 23.13 -15.25 13.08
CA LEU B 124 23.94 -15.75 14.19
C LEU B 124 24.96 -16.79 13.71
N THR B 125 26.25 -16.43 13.73
CA THR B 125 27.31 -17.34 13.30
C THR B 125 27.86 -18.10 14.52
N GLN B 126 27.77 -19.43 14.48
CA GLN B 126 28.21 -20.32 15.55
C GLN B 126 29.45 -21.10 15.12
N THR B 127 30.45 -21.14 15.99
CA THR B 127 31.68 -21.87 15.71
C THR B 127 32.19 -22.59 16.96
N PRO B 128 32.75 -23.81 16.80
CA PRO B 128 32.92 -24.53 15.53
C PRO B 128 31.70 -25.38 15.19
N LEU B 129 31.68 -25.95 13.99
CA LEU B 129 30.57 -26.78 13.56
C LEU B 129 30.64 -28.14 14.29
N SER B 130 31.86 -28.62 14.52
CA SER B 130 32.11 -29.88 15.20
C SER B 130 33.18 -29.65 16.26
N LEU B 131 32.98 -30.18 17.45
CA LEU B 131 33.95 -30.05 18.53
C LEU B 131 34.18 -31.38 19.23
N PRO B 132 35.22 -32.14 18.80
CA PRO B 132 35.49 -33.44 19.45
C PRO B 132 36.18 -33.17 20.79
N VAL B 133 35.73 -33.84 21.85
CA VAL B 133 36.32 -33.64 23.17
C VAL B 133 36.48 -34.93 23.96
N SER B 134 37.29 -34.87 25.01
CA SER B 134 37.51 -36.01 25.88
C SER B 134 36.72 -35.72 27.16
N LEU B 135 36.06 -36.73 27.69
CA LEU B 135 35.30 -36.56 28.92
C LEU B 135 36.24 -36.01 29.99
N GLY B 136 35.77 -35.02 30.74
CA GLY B 136 36.59 -34.40 31.77
C GLY B 136 37.24 -33.09 31.34
N ASP B 137 37.33 -32.86 30.03
CA ASP B 137 37.93 -31.64 29.47
C ASP B 137 37.03 -30.42 29.57
N GLN B 138 37.60 -29.25 29.30
CA GLN B 138 36.86 -28.00 29.30
C GLN B 138 36.49 -27.74 27.83
N ALA B 139 35.41 -27.01 27.60
CA ALA B 139 34.97 -26.71 26.23
C ALA B 139 34.42 -25.28 26.16
N SER B 140 34.49 -24.67 24.97
CA SER B 140 34.02 -23.30 24.75
C SER B 140 33.43 -23.21 23.34
N ILE B 141 32.26 -22.58 23.22
CA ILE B 141 31.56 -22.42 21.95
C ILE B 141 31.29 -20.93 21.71
N SER B 142 31.41 -20.50 20.45
CA SER B 142 31.21 -19.10 20.06
C SER B 142 29.93 -18.84 19.25
N CYS B 143 29.31 -17.68 19.49
CA CYS B 143 28.09 -17.23 18.81
C CYS B 143 28.18 -15.70 18.64
N ARG B 144 28.30 -15.26 17.39
CA ARG B 144 28.41 -13.83 17.07
C ARG B 144 27.24 -13.40 16.18
N SER B 145 26.68 -12.22 16.44
CA SER B 145 25.54 -11.69 15.67
C SER B 145 25.91 -10.60 14.66
N SER B 146 25.12 -10.50 13.59
CA SER B 146 25.37 -9.48 12.56
C SER B 146 24.96 -8.06 12.98
N GLN B 147 24.16 -7.96 14.04
CA GLN B 147 23.69 -6.68 14.56
C GLN B 147 23.52 -6.86 16.07
N SER B 148 23.45 -5.75 16.80
CA SER B 148 23.29 -5.78 18.25
C SER B 148 22.03 -6.52 18.71
N ILE B 149 22.19 -7.32 19.76
CA ILE B 149 21.10 -8.11 20.33
C ILE B 149 20.47 -7.39 21.54
N VAL B 150 20.87 -6.15 21.81
CA VAL B 150 20.30 -5.42 22.94
C VAL B 150 18.93 -4.85 22.55
N HIS B 151 17.93 -5.10 23.38
CA HIS B 151 16.57 -4.63 23.15
C HIS B 151 16.48 -3.20 23.69
N SER B 152 15.55 -2.40 23.20
CA SER B 152 15.41 -1.03 23.68
C SER B 152 15.14 -0.93 25.19
N ASN B 153 14.55 -1.98 25.77
CA ASN B 153 14.25 -1.97 27.19
C ASN B 153 15.48 -2.28 28.04
N GLY B 154 16.62 -2.50 27.39
CA GLY B 154 17.85 -2.79 28.10
C GLY B 154 18.27 -4.24 28.28
N ASN B 155 17.38 -5.19 28.04
CA ASN B 155 17.73 -6.61 28.17
C ASN B 155 18.33 -7.13 26.87
N THR B 156 19.13 -8.20 26.98
CA THR B 156 19.75 -8.86 25.82
C THR B 156 19.24 -10.32 25.85
N TYR B 157 18.24 -10.60 25.01
CA TYR B 157 17.65 -11.94 24.97
C TYR B 157 18.44 -12.99 24.17
N LEU B 158 19.63 -13.34 24.64
CA LEU B 158 20.48 -14.35 23.99
C LEU B 158 20.42 -15.61 24.85
N GLU B 159 20.04 -16.72 24.23
CA GLU B 159 19.88 -18.00 24.94
C GLU B 159 20.68 -19.15 24.30
N TRP B 160 20.88 -20.21 25.06
CA TRP B 160 21.62 -21.39 24.61
C TRP B 160 20.78 -22.65 24.88
N TYR B 161 20.71 -23.55 23.90
CA TYR B 161 19.94 -24.80 23.98
C TYR B 161 20.80 -26.02 23.64
N LEU B 162 20.45 -27.16 24.21
CA LEU B 162 21.17 -28.42 23.95
C LEU B 162 20.17 -29.48 23.48
N GLN B 163 20.42 -30.05 22.30
CA GLN B 163 19.56 -31.09 21.76
C GLN B 163 20.31 -32.43 21.69
N LYS B 164 19.81 -33.39 22.46
CA LYS B 164 20.41 -34.72 22.49
C LYS B 164 19.78 -35.53 21.37
N PRO B 165 20.50 -36.56 20.89
CA PRO B 165 20.04 -37.43 19.80
C PRO B 165 18.57 -37.90 19.91
N GLY B 166 17.77 -37.53 18.92
CA GLY B 166 16.38 -37.94 18.88
C GLY B 166 15.41 -37.21 19.79
N GLN B 167 15.90 -36.26 20.60
CA GLN B 167 15.04 -35.52 21.51
C GLN B 167 14.90 -34.07 21.07
N SER B 168 14.00 -33.35 21.74
CA SER B 168 13.79 -31.93 21.44
C SER B 168 14.82 -31.10 22.21
N PRO B 169 15.03 -29.84 21.80
CA PRO B 169 16.01 -29.01 22.51
C PRO B 169 15.59 -28.72 23.96
N LYS B 170 16.58 -28.46 24.82
CA LYS B 170 16.36 -28.15 26.23
C LYS B 170 17.11 -26.86 26.57
N LEU B 171 16.48 -25.98 27.35
CA LEU B 171 17.08 -24.71 27.73
C LEU B 171 18.20 -24.84 28.76
N LEU B 172 19.29 -24.12 28.52
CA LEU B 172 20.44 -24.13 29.42
C LEU B 172 20.71 -22.75 30.02
N ILE B 173 20.79 -21.73 29.16
CA ILE B 173 21.08 -20.36 29.59
C ILE B 173 20.11 -19.36 28.95
N TYR B 174 19.70 -18.35 29.70
CA TYR B 174 18.80 -17.30 29.20
C TYR B 174 19.37 -15.94 29.59
N LYS B 175 19.06 -14.91 28.79
CA LYS B 175 19.58 -13.56 29.04
C LYS B 175 21.10 -13.52 29.20
N VAL B 176 21.80 -14.18 28.27
CA VAL B 176 23.26 -14.24 28.23
C VAL B 176 24.01 -15.07 29.28
N SER B 177 23.67 -14.91 30.56
CA SER B 177 24.41 -15.59 31.62
C SER B 177 23.63 -16.26 32.74
N ASN B 178 22.32 -16.36 32.59
CA ASN B 178 21.51 -16.96 33.64
C ASN B 178 21.20 -18.41 33.36
N ARG B 179 21.46 -19.26 34.35
CA ARG B 179 21.23 -20.69 34.22
C ARG B 179 19.78 -21.04 34.55
N PHE B 180 19.19 -21.89 33.71
CA PHE B 180 17.80 -22.33 33.90
C PHE B 180 17.74 -23.25 35.12
N SER B 181 16.59 -23.30 35.77
CA SER B 181 16.40 -24.13 36.96
C SER B 181 16.76 -25.59 36.66
N GLY B 182 17.67 -26.14 37.45
CA GLY B 182 18.07 -27.53 37.25
C GLY B 182 19.32 -27.76 36.42
N VAL B 183 19.86 -26.71 35.79
CA VAL B 183 21.06 -26.83 34.97
C VAL B 183 22.31 -26.74 35.87
N PRO B 184 23.21 -27.73 35.78
CA PRO B 184 24.46 -27.82 36.57
C PRO B 184 25.34 -26.59 36.41
N ASP B 185 26.05 -26.22 37.47
CA ASP B 185 26.91 -25.04 37.42
C ASP B 185 28.16 -25.17 36.55
N ARG B 186 28.32 -26.30 35.87
CA ARG B 186 29.48 -26.49 34.99
C ARG B 186 29.29 -25.64 33.71
N PHE B 187 28.04 -25.22 33.48
CA PHE B 187 27.67 -24.41 32.31
C PHE B 187 27.64 -22.95 32.70
N SER B 188 28.26 -22.09 31.90
CA SER B 188 28.25 -20.66 32.14
C SER B 188 28.25 -19.90 30.80
N GLY B 189 27.56 -18.76 30.77
CA GLY B 189 27.48 -17.97 29.56
C GLY B 189 27.99 -16.57 29.81
N SER B 190 28.54 -15.93 28.79
CA SER B 190 29.06 -14.57 28.94
C SER B 190 29.05 -13.84 27.62
N GLY B 191 29.31 -12.54 27.67
CA GLY B 191 29.36 -11.73 26.48
C GLY B 191 28.36 -10.59 26.46
N SER B 192 28.36 -9.82 25.38
CA SER B 192 27.43 -8.71 25.23
C SER B 192 27.47 -8.14 23.81
N GLY B 193 26.48 -7.30 23.49
CA GLY B 193 26.42 -6.67 22.19
C GLY B 193 26.25 -7.60 21.02
N THR B 194 27.36 -8.03 20.42
CA THR B 194 27.34 -8.93 19.27
C THR B 194 28.23 -10.18 19.43
N ASP B 195 28.89 -10.34 20.57
CA ASP B 195 29.75 -11.51 20.75
C ASP B 195 29.46 -12.26 22.04
N PHE B 196 29.17 -13.55 21.92
CA PHE B 196 28.82 -14.37 23.08
C PHE B 196 29.57 -15.69 23.16
N THR B 197 29.67 -16.23 24.37
CA THR B 197 30.38 -17.49 24.61
C THR B 197 29.73 -18.41 25.67
N LEU B 198 29.71 -19.71 25.37
CA LEU B 198 29.19 -20.70 26.31
C LEU B 198 30.39 -21.56 26.68
N LYS B 199 30.61 -21.76 27.97
CA LYS B 199 31.73 -22.55 28.46
C LYS B 199 31.26 -23.72 29.34
N ILE B 200 32.01 -24.82 29.29
CA ILE B 200 31.71 -26.01 30.08
C ILE B 200 33.01 -26.33 30.84
N SER B 201 32.96 -26.24 32.17
CA SER B 201 34.14 -26.49 32.99
C SER B 201 34.71 -27.91 32.93
N ARG B 202 33.83 -28.91 32.89
CA ARG B 202 34.23 -30.31 32.85
C ARG B 202 33.15 -31.09 32.13
N VAL B 203 33.45 -31.57 30.92
CA VAL B 203 32.47 -32.28 30.09
C VAL B 203 32.12 -33.68 30.58
N GLU B 204 30.82 -33.93 30.74
CA GLU B 204 30.32 -35.24 31.17
C GLU B 204 29.68 -35.91 29.96
N ALA B 205 29.48 -37.23 30.03
CA ALA B 205 28.89 -37.97 28.93
C ALA B 205 27.50 -37.46 28.53
N GLU B 206 26.71 -37.04 29.51
CA GLU B 206 25.36 -36.53 29.27
C GLU B 206 25.34 -35.17 28.54
N ASP B 207 26.51 -34.55 28.38
CA ASP B 207 26.61 -33.24 27.74
C ASP B 207 26.76 -33.29 26.22
N LEU B 208 26.99 -34.49 25.68
CA LEU B 208 27.19 -34.64 24.25
C LEU B 208 25.89 -34.43 23.45
N GLY B 209 25.99 -33.70 22.34
CA GLY B 209 24.83 -33.42 21.52
C GLY B 209 25.06 -32.14 20.72
N VAL B 210 23.98 -31.53 20.22
CA VAL B 210 24.10 -30.30 19.44
C VAL B 210 23.65 -29.05 20.20
N TYR B 211 24.54 -28.07 20.33
CA TYR B 211 24.25 -26.82 21.03
C TYR B 211 23.85 -25.73 20.04
N TYR B 212 22.84 -24.94 20.41
CA TYR B 212 22.34 -23.85 19.56
C TYR B 212 22.19 -22.56 20.35
N CYS B 213 22.59 -21.42 19.77
CA CYS B 213 22.37 -20.14 20.41
C CYS B 213 21.11 -19.56 19.75
N PHE B 214 20.42 -18.65 20.44
CA PHE B 214 19.17 -18.06 19.92
C PHE B 214 19.00 -16.63 20.40
N GLN B 215 18.42 -15.76 19.56
CA GLN B 215 18.17 -14.37 19.94
C GLN B 215 16.68 -14.05 19.84
N GLY B 216 16.11 -13.54 20.93
CA GLY B 216 14.70 -13.18 20.92
C GLY B 216 14.52 -11.68 21.13
N SER B 217 15.48 -10.89 20.65
CA SER B 217 15.42 -9.44 20.82
C SER B 217 14.73 -8.69 19.66
N HIS B 218 14.99 -9.12 18.42
CA HIS B 218 14.45 -8.44 17.25
C HIS B 218 13.82 -9.41 16.25
N VAL B 219 12.60 -9.13 15.81
CA VAL B 219 11.91 -10.00 14.85
C VAL B 219 12.54 -9.88 13.45
N PRO B 220 12.68 -11.01 12.73
CA PRO B 220 12.27 -12.35 13.16
C PRO B 220 13.34 -12.96 14.06
N TYR B 221 12.91 -13.69 15.08
CA TYR B 221 13.85 -14.31 16.01
C TYR B 221 14.57 -15.41 15.22
N THR B 222 15.89 -15.52 15.43
CA THR B 222 16.72 -16.48 14.71
C THR B 222 17.64 -17.35 15.60
N PHE B 223 18.08 -18.48 15.05
CA PHE B 223 18.96 -19.44 15.72
C PHE B 223 20.32 -19.56 15.01
N GLY B 224 21.34 -19.96 15.76
CA GLY B 224 22.65 -20.17 15.17
C GLY B 224 22.62 -21.52 14.43
N GLY B 225 23.68 -21.83 13.67
CA GLY B 225 23.73 -23.07 12.92
C GLY B 225 23.99 -24.36 13.69
N GLY B 226 24.41 -24.25 14.95
CA GLY B 226 24.66 -25.44 15.75
C GLY B 226 26.11 -25.89 15.84
N THR B 227 26.44 -26.51 16.97
CA THR B 227 27.79 -27.04 17.23
C THR B 227 27.61 -28.44 17.83
N LYS B 228 28.18 -29.44 17.19
CA LYS B 228 28.08 -30.81 17.68
C LYS B 228 29.26 -31.19 18.60
N LEU B 229 28.97 -31.37 19.88
CA LEU B 229 29.97 -31.75 20.87
C LEU B 229 29.94 -33.28 20.88
N GLU B 230 31.05 -33.90 20.49
CA GLU B 230 31.12 -35.36 20.42
C GLU B 230 32.39 -35.92 21.03
N ILE B 231 32.36 -37.21 21.36
CA ILE B 231 33.52 -37.89 21.95
C ILE B 231 34.72 -37.89 20.98
N LYS B 232 35.88 -37.55 21.52
CA LYS B 232 37.10 -37.48 20.72
C LYS B 232 37.58 -38.87 20.31
N ARG B 233 37.58 -39.12 19.01
CA ARG B 233 38.01 -40.38 18.42
C ARG B 233 37.75 -40.36 16.92
#